data_4PQ9
#
_entry.id   4PQ9
#
_cell.length_a   45.120
_cell.length_b   46.840
_cell.length_c   51.840
_cell.angle_alpha   109.450
_cell.angle_beta   95.630
_cell.angle_gamma   99.790
#
_symmetry.space_group_name_H-M   'P 1'
#
loop_
_entity.id
_entity.type
_entity.pdbx_description
1 polymer Beta-1,3-glucanase
2 non-polymer 'MAGNESIUM ION'
3 non-polymer 2-[BIS-(2-HYDROXY-ETHYL)-AMINO]-2-HYDROXYMETHYL-PROPANE-1,3-DIOL
4 non-polymer 1,2-ETHANEDIOL
5 water water
#
_entity_poly.entity_id   1
_entity_poly.type   'polypeptide(L)'
_entity_poly.pdbx_seq_one_letter_code
;MAHHHHHHADSSRRDMPLAPAPNGQSGPYLFHDEFDGPAGSAPDSSKWTVARAREEMKDPTYWERPENVGQYRDDRQNVF
LDGKSNLVIRAAKDGGTYYAGKIQSPWRGGIGHTWEARIKFDCLTAGCWPAWWLGNQDRGEIDIIEWYGNGSWPSATTVH
AKANGSEWKTRNVALDSGWHTWRCQWDETGMRFWQDYAEGAQPYFTVAAHSLPDWPFNDPGYTVFPVLNLAVAGSGGGDP
RPGSYPAQMLVDWVRVW
;
_entity_poly.pdbx_strand_id   A,B
#
loop_
_chem_comp.id
_chem_comp.type
_chem_comp.name
_chem_comp.formula
BTB non-polymer 2-[BIS-(2-HYDROXY-ETHYL)-AMINO]-2-HYDROXYMETHYL-PROPANE-1,3-DIOL 'C8 H19 N O5'
EDO non-polymer 1,2-ETHANEDIOL 'C2 H6 O2'
MG non-polymer 'MAGNESIUM ION' 'Mg 2'
#
# COMPACT_ATOMS: atom_id res chain seq x y z
N GLN A 25 -3.87 17.45 -22.27
CA GLN A 25 -2.61 16.95 -21.62
C GLN A 25 -1.95 17.94 -20.67
N SER A 26 -2.29 19.23 -20.79
CA SER A 26 -1.86 20.27 -19.84
C SER A 26 -2.75 20.33 -18.58
N GLY A 27 -3.76 19.48 -18.51
CA GLY A 27 -4.61 19.42 -17.34
C GLY A 27 -5.69 20.46 -17.38
N PRO A 28 -6.38 20.69 -16.23
CA PRO A 28 -6.19 20.09 -14.89
C PRO A 28 -6.18 18.55 -14.88
N TYR A 29 -5.53 17.97 -13.87
CA TYR A 29 -5.36 16.52 -13.77
C TYR A 29 -6.24 15.90 -12.69
N LEU A 30 -6.79 14.73 -13.00
CA LEU A 30 -7.38 13.89 -11.97
C LEU A 30 -6.33 13.40 -10.96
N PHE A 31 -5.12 13.14 -11.45
CA PHE A 31 -4.00 12.71 -10.63
C PHE A 31 -2.74 13.12 -11.35
N HIS A 32 -1.78 13.70 -10.64
CA HIS A 32 -0.45 13.82 -11.23
C HIS A 32 0.60 13.90 -10.15
N ASP A 33 1.82 13.55 -10.55
CA ASP A 33 3.01 13.84 -9.76
C ASP A 33 4.07 14.28 -10.73
N GLU A 34 4.64 15.45 -10.44
CA GLU A 34 5.73 16.02 -11.21
C GLU A 34 7.11 15.64 -10.65
N PHE A 35 7.12 14.97 -9.49
CA PHE A 35 8.37 14.47 -8.90
C PHE A 35 9.38 15.58 -8.65
N ASP A 36 8.86 16.74 -8.25
CA ASP A 36 9.68 17.86 -7.91
C ASP A 36 10.09 17.79 -6.45
N GLY A 37 11.27 18.34 -6.20
CA GLY A 37 11.82 18.41 -4.86
C GLY A 37 13.30 18.17 -4.90
N PRO A 38 13.98 18.40 -3.77
CA PRO A 38 15.42 18.32 -3.75
C PRO A 38 15.94 16.88 -3.91
N ALA A 39 17.17 16.79 -4.39
CA ALA A 39 17.85 15.52 -4.55
C ALA A 39 17.86 14.75 -3.24
N GLY A 40 17.56 13.46 -3.35
CA GLY A 40 17.60 12.57 -2.22
C GLY A 40 16.28 12.47 -1.47
N SER A 41 15.27 13.25 -1.86
CA SER A 41 13.89 13.22 -1.33
CA SER A 41 14.01 13.13 -1.15
C SER A 41 13.23 11.89 -1.58
N ALA A 42 12.28 11.52 -0.74
CA ALA A 42 11.39 10.41 -1.05
C ALA A 42 10.32 10.88 -2.03
N PRO A 43 9.74 9.95 -2.79
CA PRO A 43 8.53 10.33 -3.51
C PRO A 43 7.41 10.72 -2.54
N ASP A 44 6.52 11.57 -3.02
CA ASP A 44 5.40 12.09 -2.23
C ASP A 44 4.55 10.97 -1.67
N SER A 45 4.55 10.83 -0.34
CA SER A 45 3.82 9.73 0.28
C SER A 45 2.32 9.85 0.17
N SER A 46 1.81 11.06 -0.12
CA SER A 46 0.39 11.24 -0.36
CA SER A 46 0.38 11.19 -0.35
C SER A 46 -0.06 10.71 -1.72
N LYS A 47 0.91 10.37 -2.57
CA LYS A 47 0.62 9.87 -3.92
C LYS A 47 1.13 8.47 -4.18
N TRP A 48 2.09 7.99 -3.39
CA TRP A 48 2.74 6.72 -3.68
C TRP A 48 3.00 5.93 -2.43
N THR A 49 2.93 4.61 -2.56
CA THR A 49 3.45 3.67 -1.60
C THR A 49 4.60 2.91 -2.23
N VAL A 50 5.72 2.87 -1.52
CA VAL A 50 6.93 2.25 -2.00
C VAL A 50 6.94 0.78 -1.62
N ALA A 51 7.26 -0.11 -2.56
CA ALA A 51 7.25 -1.54 -2.26
C ALA A 51 8.36 -1.91 -1.31
N ARG A 52 8.03 -2.74 -0.33
CA ARG A 52 9.02 -3.21 0.64
CA ARG A 52 9.07 -3.20 0.61
C ARG A 52 9.52 -4.61 0.38
N ALA A 53 8.88 -5.32 -0.54
CA ALA A 53 9.35 -6.64 -0.92
C ALA A 53 8.90 -6.99 -2.33
N ARG A 54 9.69 -7.83 -3.00
CA ARG A 54 9.31 -8.39 -4.30
C ARG A 54 8.12 -9.33 -4.08
N GLU A 55 7.18 -9.32 -5.01
CA GLU A 55 6.07 -10.27 -5.00
C GLU A 55 6.61 -11.71 -4.97
N GLU A 56 6.19 -12.52 -4.00
CA GLU A 56 6.65 -13.92 -3.94
C GLU A 56 6.05 -14.68 -5.13
N MET A 57 6.85 -15.56 -5.73
CA MET A 57 6.42 -16.32 -6.90
C MET A 57 6.26 -17.78 -6.50
N LYS A 58 5.04 -18.30 -6.60
CA LYS A 58 4.79 -19.70 -6.30
C LYS A 58 5.47 -20.58 -7.35
N ASP A 59 6.04 -21.70 -6.90
CA ASP A 59 6.75 -22.62 -7.78
C ASP A 59 7.75 -21.88 -8.66
N PRO A 60 8.72 -21.21 -8.01
CA PRO A 60 9.64 -20.37 -8.77
C PRO A 60 10.55 -21.13 -9.75
N THR A 61 10.75 -20.57 -10.94
CA THR A 61 11.84 -20.98 -11.80
C THR A 61 13.14 -20.30 -11.33
N TYR A 62 14.26 -20.61 -11.98
CA TYR A 62 15.57 -20.28 -11.45
C TYR A 62 15.70 -18.82 -11.02
N TRP A 63 15.38 -17.87 -11.90
CA TRP A 63 15.59 -16.47 -11.61
C TRP A 63 14.48 -15.89 -10.73
N GLU A 64 13.48 -16.69 -10.39
CA GLU A 64 12.41 -16.32 -9.46
C GLU A 64 12.69 -16.87 -8.06
N ARG A 65 13.69 -17.74 -7.90
CA ARG A 65 13.93 -18.32 -6.59
CA ARG A 65 13.92 -18.32 -6.59
C ARG A 65 14.35 -17.23 -5.61
N PRO A 66 13.99 -17.40 -4.31
CA PRO A 66 14.30 -16.34 -3.35
C PRO A 66 15.76 -15.88 -3.34
N GLU A 67 16.69 -16.79 -3.57
CA GLU A 67 18.11 -16.45 -3.57
C GLU A 67 18.62 -15.76 -4.85
N ASN A 68 17.83 -15.79 -5.92
CA ASN A 68 18.22 -15.26 -7.21
C ASN A 68 17.42 -14.03 -7.61
N VAL A 69 16.23 -13.85 -7.08
CA VAL A 69 15.34 -12.79 -7.54
C VAL A 69 15.82 -11.45 -7.04
N GLY A 70 15.57 -10.39 -7.82
CA GLY A 70 15.82 -9.04 -7.32
C GLY A 70 14.76 -8.67 -6.31
N GLN A 71 15.17 -7.91 -5.31
CA GLN A 71 14.28 -7.46 -4.26
C GLN A 71 13.88 -6.02 -4.43
N TYR A 72 12.82 -5.66 -3.72
CA TYR A 72 12.40 -4.27 -3.58
C TYR A 72 12.61 -3.89 -2.13
N ARG A 73 12.94 -2.63 -1.90
CA ARG A 73 12.93 -2.07 -0.53
C ARG A 73 12.63 -0.56 -0.58
N ASP A 74 12.07 0.00 0.50
CA ASP A 74 11.90 1.44 0.57
CA ASP A 74 11.84 1.51 0.63
C ASP A 74 13.12 2.04 1.22
N ASP A 75 14.06 2.37 0.35
CA ASP A 75 15.33 2.84 0.75
C ASP A 75 15.66 3.93 -0.24
N ARG A 76 16.14 5.05 0.27
CA ARG A 76 16.51 6.16 -0.60
CA ARG A 76 16.49 6.17 -0.54
C ARG A 76 17.59 5.81 -1.54
N GLN A 77 18.28 4.69 -1.32
CA GLN A 77 19.26 4.29 -2.30
C GLN A 77 18.63 3.69 -3.55
N ASN A 78 17.36 3.28 -3.47
CA ASN A 78 16.70 2.66 -4.60
C ASN A 78 15.54 3.46 -5.17
N VAL A 79 14.88 4.28 -4.35
CA VAL A 79 13.71 5.06 -4.81
C VAL A 79 13.87 6.45 -4.24
N PHE A 80 14.11 7.44 -5.08
CA PHE A 80 14.40 8.78 -4.61
C PHE A 80 14.15 9.79 -5.73
N LEU A 81 14.09 11.07 -5.38
CA LEU A 81 14.00 12.12 -6.39
C LEU A 81 15.41 12.64 -6.67
N ASP A 82 15.66 13.05 -7.92
CA ASP A 82 16.99 13.50 -8.29
C ASP A 82 17.23 14.99 -8.16
N GLY A 83 16.21 15.76 -7.82
CA GLY A 83 16.36 17.22 -7.76
C GLY A 83 16.26 17.92 -9.10
N LYS A 84 15.97 17.16 -10.14
CA LYS A 84 15.80 17.65 -11.48
C LYS A 84 14.42 17.33 -12.03
N SER A 85 13.47 17.12 -11.12
CA SER A 85 12.08 16.83 -11.45
C SER A 85 11.80 15.37 -11.79
N ASN A 86 12.75 14.48 -11.45
CA ASN A 86 12.55 13.07 -11.74
C ASN A 86 12.56 12.19 -10.52
N LEU A 87 11.64 11.23 -10.51
CA LEU A 87 11.79 9.99 -9.76
C LEU A 87 12.94 9.20 -10.36
N VAL A 88 13.75 8.63 -9.49
CA VAL A 88 14.76 7.66 -9.85
C VAL A 88 14.40 6.35 -9.17
N ILE A 89 14.30 5.30 -9.98
CA ILE A 89 14.29 3.95 -9.45
C ILE A 89 15.62 3.32 -9.88
N ARG A 90 16.40 2.90 -8.90
CA ARG A 90 17.78 2.50 -9.09
C ARG A 90 17.96 1.06 -8.64
N ALA A 91 18.51 0.25 -9.55
CA ALA A 91 18.83 -1.17 -9.31
C ALA A 91 20.32 -1.28 -9.05
N ALA A 92 20.69 -1.93 -7.95
CA ALA A 92 22.10 -2.08 -7.60
C ALA A 92 22.26 -3.24 -6.65
N LYS A 93 23.41 -3.89 -6.74
CA LYS A 93 23.76 -4.98 -5.87
C LYS A 93 24.22 -4.41 -4.54
N ASP A 94 23.77 -5.03 -3.46
CA ASP A 94 24.12 -4.64 -2.10
C ASP A 94 24.23 -5.95 -1.31
N GLY A 95 25.46 -6.34 -0.97
CA GLY A 95 25.72 -7.57 -0.23
C GLY A 95 25.15 -8.86 -0.82
N GLY A 96 25.46 -9.12 -2.09
CA GLY A 96 25.05 -10.35 -2.77
C GLY A 96 23.63 -10.38 -3.34
N THR A 97 22.87 -9.31 -3.11
CA THR A 97 21.49 -9.23 -3.50
C THR A 97 21.29 -7.96 -4.32
N TYR A 98 20.55 -8.09 -5.41
CA TYR A 98 20.11 -6.92 -6.14
C TYR A 98 18.87 -6.38 -5.49
N TYR A 99 18.89 -5.06 -5.27
CA TYR A 99 17.69 -4.33 -4.84
C TYR A 99 17.35 -3.31 -5.90
N ALA A 100 16.05 -3.09 -6.10
CA ALA A 100 15.55 -2.05 -6.98
C ALA A 100 14.27 -1.54 -6.35
N GLY A 101 13.28 -1.12 -7.14
CA GLY A 101 12.15 -0.47 -6.52
C GLY A 101 10.89 -0.46 -7.33
N LYS A 102 9.82 -0.14 -6.62
CA LYS A 102 8.48 -0.08 -7.21
CA LYS A 102 8.48 -0.07 -7.21
C LYS A 102 7.70 0.95 -6.40
N ILE A 103 6.96 1.80 -7.09
CA ILE A 103 5.99 2.65 -6.43
C ILE A 103 4.63 2.41 -7.08
N GLN A 104 3.59 2.40 -6.25
CA GLN A 104 2.21 2.17 -6.66
CA GLN A 104 2.24 2.24 -6.72
C GLN A 104 1.34 3.21 -5.97
N SER A 105 0.47 3.87 -6.70
CA SER A 105 -0.40 4.84 -6.02
C SER A 105 -1.60 4.19 -5.43
N PRO A 106 -2.04 4.64 -4.24
CA PRO A 106 -3.37 4.26 -3.77
C PRO A 106 -4.49 4.84 -4.60
N TRP A 107 -4.21 5.89 -5.36
CA TRP A 107 -5.20 6.53 -6.20
C TRP A 107 -5.62 5.62 -7.32
N ARG A 108 -6.93 5.48 -7.48
CA ARG A 108 -7.49 4.68 -8.56
CA ARG A 108 -7.51 4.66 -8.52
C ARG A 108 -8.38 5.53 -9.42
N GLY A 109 -8.37 5.20 -10.71
CA GLY A 109 -9.17 5.88 -11.71
C GLY A 109 -9.98 4.89 -12.49
N GLY A 110 -11.18 5.31 -12.88
CA GLY A 110 -12.04 4.51 -13.73
C GLY A 110 -11.86 4.79 -15.20
N ILE A 111 -12.78 4.24 -15.98
CA ILE A 111 -12.73 4.32 -17.42
C ILE A 111 -12.98 5.75 -17.89
N GLY A 112 -12.44 6.08 -19.07
CA GLY A 112 -12.71 7.33 -19.73
C GLY A 112 -11.63 8.40 -19.59
N HIS A 113 -10.42 8.01 -19.20
CA HIS A 113 -9.31 8.92 -18.96
C HIS A 113 -8.07 8.54 -19.75
N THR A 114 -7.15 9.48 -19.75
CA THR A 114 -5.85 9.33 -20.40
C THR A 114 -4.77 9.36 -19.33
N TRP A 115 -3.79 8.47 -19.47
CA TRP A 115 -2.75 8.19 -18.49
C TRP A 115 -1.42 8.32 -19.20
N GLU A 116 -0.51 9.13 -18.69
CA GLU A 116 0.74 9.33 -19.40
C GLU A 116 1.89 9.50 -18.43
N ALA A 117 3.06 8.95 -18.79
CA ALA A 117 4.27 9.17 -18.01
C ALA A 117 5.40 9.52 -18.93
N ARG A 118 6.31 10.35 -18.44
CA ARG A 118 7.51 10.74 -19.17
C ARG A 118 8.68 10.01 -18.52
N ILE A 119 9.36 9.15 -19.29
CA ILE A 119 10.28 8.16 -18.76
C ILE A 119 11.57 8.14 -19.56
N LYS A 120 12.68 7.92 -18.85
CA LYS A 120 13.95 7.64 -19.50
C LYS A 120 14.47 6.30 -18.95
N PHE A 121 14.62 5.30 -19.82
CA PHE A 121 15.11 4.00 -19.39
C PHE A 121 16.63 3.97 -19.54
N ASP A 122 17.34 4.24 -18.45
CA ASP A 122 18.79 4.08 -18.38
C ASP A 122 19.13 2.70 -17.76
N CYS A 123 18.27 1.73 -18.01
CA CYS A 123 18.32 0.43 -17.39
C CYS A 123 18.00 -0.68 -18.36
N LEU A 124 18.32 -0.48 -19.65
CA LEU A 124 18.09 -1.50 -20.66
C LEU A 124 19.31 -2.42 -20.70
N THR A 125 19.48 -3.17 -19.61
CA THR A 125 20.65 -4.02 -19.43
C THR A 125 20.16 -5.39 -18.91
N ALA A 126 20.94 -6.43 -19.18
CA ALA A 126 20.55 -7.77 -18.79
C ALA A 126 20.19 -7.85 -17.31
N GLY A 127 19.09 -8.52 -17.03
CA GLY A 127 18.58 -8.66 -15.68
C GLY A 127 17.48 -7.67 -15.32
N CYS A 128 17.45 -6.51 -16.00
CA CYS A 128 16.46 -5.50 -15.64
C CYS A 128 15.11 -5.77 -16.27
N TRP A 129 14.09 -5.24 -15.62
CA TRP A 129 12.70 -5.44 -16.04
C TRP A 129 11.88 -4.24 -15.58
N PRO A 130 12.01 -3.10 -16.30
CA PRO A 130 11.25 -1.92 -16.00
C PRO A 130 9.86 -1.96 -16.60
N ALA A 131 8.94 -1.24 -15.96
CA ALA A 131 7.57 -1.18 -16.43
C ALA A 131 6.84 0.06 -15.94
N TRP A 132 5.93 0.53 -16.78
CA TRP A 132 4.93 1.57 -16.48
C TRP A 132 3.58 0.92 -16.81
N TRP A 133 2.72 0.78 -15.81
CA TRP A 133 1.53 -0.03 -15.97
C TRP A 133 0.44 0.40 -15.04
N LEU A 134 -0.78 -0.03 -15.37
CA LEU A 134 -1.98 0.25 -14.60
C LEU A 134 -2.49 -1.10 -14.11
N GLY A 135 -2.67 -1.23 -12.80
CA GLY A 135 -2.96 -2.49 -12.17
C GLY A 135 -4.34 -2.55 -11.55
N ASN A 136 -4.71 -3.79 -11.25
CA ASN A 136 -5.96 -4.12 -10.57
C ASN A 136 -5.68 -5.34 -9.70
N GLN A 137 -6.28 -5.33 -8.52
CA GLN A 137 -6.11 -6.35 -7.50
C GLN A 137 -6.61 -7.74 -7.92
N ASP A 138 -7.60 -7.76 -8.78
CA ASP A 138 -8.35 -8.98 -9.08
C ASP A 138 -8.17 -9.47 -10.49
N ARG A 139 -8.39 -8.62 -11.48
CA ARG A 139 -8.44 -9.04 -12.89
C ARG A 139 -8.04 -7.89 -13.74
N GLY A 140 -7.21 -8.11 -14.74
CA GLY A 140 -6.89 -7.07 -15.72
C GLY A 140 -5.61 -6.37 -15.39
N GLU A 141 -4.88 -5.99 -16.43
CA GLU A 141 -3.63 -5.26 -16.29
C GLU A 141 -3.37 -4.58 -17.59
N ILE A 142 -2.91 -3.32 -17.51
CA ILE A 142 -2.53 -2.57 -18.71
C ILE A 142 -1.04 -2.26 -18.60
N ASP A 143 -0.21 -3.00 -19.33
CA ASP A 143 1.22 -2.77 -19.33
C ASP A 143 1.53 -1.80 -20.45
N ILE A 144 1.61 -0.53 -20.09
CA ILE A 144 1.76 0.54 -21.06
C ILE A 144 3.08 0.40 -21.79
N ILE A 145 4.17 0.15 -21.05
CA ILE A 145 5.43 -0.23 -21.67
C ILE A 145 6.22 -1.04 -20.67
N GLU A 146 6.91 -2.06 -21.19
CA GLU A 146 7.75 -2.89 -20.37
C GLU A 146 8.87 -3.44 -21.21
N TRP A 147 10.02 -3.62 -20.57
CA TRP A 147 11.20 -4.15 -21.25
C TRP A 147 11.70 -5.32 -20.45
N TYR A 148 12.17 -6.35 -21.16
CA TYR A 148 12.66 -7.56 -20.53
C TYR A 148 14.15 -7.72 -20.71
N GLY A 149 14.84 -7.94 -19.60
CA GLY A 149 16.28 -8.15 -19.60
C GLY A 149 16.71 -9.59 -19.67
N ASN A 150 15.77 -10.52 -19.86
CA ASN A 150 16.11 -11.92 -19.81
C ASN A 150 16.83 -12.44 -21.05
N GLY A 151 16.86 -11.65 -22.12
CA GLY A 151 17.50 -12.07 -23.36
C GLY A 151 16.60 -12.80 -24.33
N SER A 152 15.33 -13.03 -23.95
CA SER A 152 14.39 -13.81 -24.78
CA SER A 152 14.40 -13.81 -24.78
C SER A 152 13.15 -13.04 -25.19
N TRP A 153 12.55 -12.28 -24.28
CA TRP A 153 11.24 -11.73 -24.51
C TRP A 153 11.34 -10.29 -25.04
N PRO A 154 10.51 -9.92 -26.00
CA PRO A 154 10.57 -8.60 -26.61
C PRO A 154 9.86 -7.52 -25.78
N SER A 155 10.40 -6.32 -25.77
CA SER A 155 9.72 -5.19 -25.12
C SER A 155 8.42 -4.89 -25.84
N ALA A 156 7.40 -4.49 -25.07
CA ALA A 156 6.05 -4.51 -25.60
C ALA A 156 5.07 -3.75 -24.72
N THR A 157 3.93 -3.44 -25.32
CA THR A 157 2.73 -2.97 -24.64
C THR A 157 1.72 -4.10 -24.66
N THR A 158 1.07 -4.35 -23.52
CA THR A 158 0.19 -5.53 -23.41
C THR A 158 -1.00 -5.22 -22.54
N VAL A 159 -2.18 -5.65 -22.99
CA VAL A 159 -3.39 -5.62 -22.15
C VAL A 159 -3.74 -7.07 -21.81
N HIS A 160 -3.89 -7.31 -20.51
CA HIS A 160 -4.26 -8.63 -19.99
C HIS A 160 -5.65 -8.60 -19.43
N ALA A 161 -6.39 -9.67 -19.65
CA ALA A 161 -7.76 -9.75 -19.09
C ALA A 161 -7.89 -10.56 -17.86
N LYS A 162 -7.15 -11.66 -17.83
CA LYS A 162 -7.29 -12.67 -16.80
C LYS A 162 -6.15 -12.57 -15.80
N ALA A 163 -6.48 -12.84 -14.54
CA ALA A 163 -5.54 -12.76 -13.41
C ALA A 163 -4.29 -13.60 -13.62
N ASN A 164 -4.48 -14.77 -14.20
CA ASN A 164 -3.37 -15.64 -14.62
C ASN A 164 -2.44 -14.89 -15.56
N GLY A 165 -2.99 -13.85 -16.18
CA GLY A 165 -2.27 -13.02 -17.11
C GLY A 165 -2.47 -13.55 -18.52
N SER A 166 -3.05 -14.76 -18.62
CA SER A 166 -2.95 -15.65 -19.79
C SER A 166 -3.86 -15.35 -21.00
N GLU A 167 -4.64 -14.30 -20.94
CA GLU A 167 -5.33 -13.81 -22.12
C GLU A 167 -4.89 -12.38 -22.33
N TRP A 168 -4.34 -12.10 -23.51
CA TRP A 168 -3.74 -10.79 -23.74
C TRP A 168 -3.74 -10.39 -25.20
N LYS A 169 -3.64 -9.07 -25.40
CA LYS A 169 -3.30 -8.47 -26.68
C LYS A 169 -1.97 -7.75 -26.46
N THR A 170 -1.02 -7.94 -27.36
CA THR A 170 0.31 -7.36 -27.21
C THR A 170 0.80 -6.78 -28.52
N ARG A 171 1.70 -5.81 -28.41
CA ARG A 171 2.39 -5.22 -29.54
C ARG A 171 3.81 -4.94 -29.13
N ASN A 172 4.75 -5.49 -29.90
CA ASN A 172 6.14 -5.19 -29.62
C ASN A 172 6.45 -3.72 -29.88
N VAL A 173 7.33 -3.15 -29.03
CA VAL A 173 7.69 -1.75 -29.13
C VAL A 173 9.20 -1.66 -28.98
N ALA A 174 9.85 -1.07 -30.00
CA ALA A 174 11.28 -0.83 -30.00
C ALA A 174 11.62 0.29 -28.99
N LEU A 175 12.55 -0.01 -28.08
CA LEU A 175 12.91 0.91 -27.00
C LEU A 175 14.35 1.33 -27.04
N ASP A 176 14.60 2.61 -26.80
CA ASP A 176 15.94 3.12 -26.57
C ASP A 176 15.98 3.78 -25.21
N SER A 177 17.10 4.43 -24.91
CA SER A 177 17.32 5.06 -23.63
C SER A 177 16.97 6.55 -23.63
N GLY A 178 16.33 7.04 -24.68
CA GLY A 178 15.96 8.44 -24.70
C GLY A 178 14.75 8.77 -23.84
N TRP A 179 14.53 10.06 -23.63
CA TRP A 179 13.28 10.49 -22.99
C TRP A 179 12.10 10.29 -23.92
N HIS A 180 11.03 9.70 -23.40
CA HIS A 180 9.80 9.57 -24.16
C HIS A 180 8.59 9.66 -23.25
N THR A 181 7.46 10.05 -23.82
CA THR A 181 6.19 9.94 -23.12
C THR A 181 5.43 8.73 -23.61
N TRP A 182 4.76 8.09 -22.65
CA TRP A 182 4.04 6.82 -22.89
C TRP A 182 2.63 7.00 -22.40
N ARG A 183 1.68 7.05 -23.37
CA ARG A 183 0.30 7.42 -23.10
C ARG A 183 -0.63 6.25 -23.38
N CYS A 184 -1.61 6.09 -22.48
CA CYS A 184 -2.73 5.17 -22.72
C CYS A 184 -4.04 5.93 -22.51
N GLN A 185 -4.86 5.99 -23.55
CA GLN A 185 -6.25 6.42 -23.42
C GLN A 185 -7.08 5.18 -23.23
N TRP A 186 -7.75 5.09 -22.09
CA TRP A 186 -8.54 3.91 -21.74
C TRP A 186 -9.99 4.37 -21.56
N ASP A 187 -10.82 4.10 -22.58
CA ASP A 187 -12.20 4.55 -22.55
C ASP A 187 -13.10 3.37 -22.91
N GLU A 188 -14.39 3.62 -23.06
CA GLU A 188 -15.34 2.54 -23.26
C GLU A 188 -15.07 1.75 -24.54
N THR A 189 -14.34 2.34 -25.49
CA THR A 189 -14.05 1.66 -26.75
C THR A 189 -12.81 0.79 -26.66
N GLY A 190 -12.02 0.92 -25.60
CA GLY A 190 -10.78 0.14 -25.44
C GLY A 190 -9.62 1.01 -25.06
N MET A 191 -8.44 0.60 -25.50
CA MET A 191 -7.18 1.27 -25.14
CA MET A 191 -7.20 1.28 -25.14
C MET A 191 -6.44 1.66 -26.39
N ARG A 192 -5.92 2.87 -26.38
CA ARG A 192 -5.06 3.37 -27.45
C ARG A 192 -3.79 3.87 -26.81
N PHE A 193 -2.67 3.59 -27.48
CA PHE A 193 -1.35 3.90 -26.94
C PHE A 193 -0.53 4.75 -27.88
N TRP A 194 0.17 5.74 -27.32
CA TRP A 194 1.07 6.59 -28.08
C TRP A 194 2.41 6.72 -27.39
N GLN A 195 3.44 6.87 -28.20
CA GLN A 195 4.77 7.24 -27.76
C GLN A 195 5.01 8.65 -28.25
N ASP A 196 5.39 9.55 -27.34
CA ASP A 196 5.70 10.95 -27.71
C ASP A 196 4.52 11.60 -28.42
N TYR A 197 3.34 11.46 -27.82
CA TYR A 197 2.15 12.07 -28.38
C TYR A 197 2.38 13.52 -28.74
N ALA A 198 1.85 13.88 -29.90
CA ALA A 198 1.76 15.27 -30.32
C ALA A 198 0.46 15.40 -31.09
N GLU A 199 0.03 16.63 -31.32
CA GLU A 199 -1.23 16.91 -32.02
C GLU A 199 -1.37 16.09 -33.28
N GLY A 200 -2.50 15.41 -33.40
CA GLY A 200 -2.80 14.63 -34.58
C GLY A 200 -2.14 13.26 -34.68
N ALA A 201 -1.33 12.88 -33.69
CA ALA A 201 -0.59 11.63 -33.78
C ALA A 201 -1.48 10.39 -33.73
N GLN A 202 -1.01 9.33 -34.39
CA GLN A 202 -1.66 8.04 -34.52
C GLN A 202 -1.20 7.09 -33.44
N PRO A 203 -2.13 6.40 -32.75
CA PRO A 203 -1.65 5.43 -31.75
C PRO A 203 -0.86 4.31 -32.42
N TYR A 204 0.16 3.82 -31.75
CA TYR A 204 0.93 2.67 -32.28
C TYR A 204 0.24 1.35 -31.99
N PHE A 205 -0.75 1.36 -31.11
CA PHE A 205 -1.45 0.12 -30.77
C PHE A 205 -2.82 0.49 -30.26
N THR A 206 -3.80 -0.28 -30.68
CA THR A 206 -5.14 -0.15 -30.17
CA THR A 206 -5.18 -0.13 -30.28
C THR A 206 -5.68 -1.51 -29.81
N VAL A 207 -6.34 -1.57 -28.67
CA VAL A 207 -6.96 -2.79 -28.17
C VAL A 207 -8.44 -2.49 -28.03
N ALA A 208 -9.27 -3.22 -28.78
CA ALA A 208 -10.69 -2.96 -28.76
C ALA A 208 -11.31 -3.52 -27.49
N ALA A 209 -12.28 -2.80 -26.92
CA ALA A 209 -13.03 -3.35 -25.81
C ALA A 209 -13.68 -4.66 -26.25
N HIS A 210 -13.80 -5.57 -25.30
CA HIS A 210 -14.47 -6.86 -25.50
C HIS A 210 -13.70 -7.79 -26.40
N SER A 211 -12.41 -7.56 -26.59
CA SER A 211 -11.61 -8.37 -27.50
C SER A 211 -10.85 -9.50 -26.83
N LEU A 212 -11.03 -9.66 -25.52
CA LEU A 212 -10.45 -10.77 -24.77
C LEU A 212 -11.53 -11.42 -23.95
N PRO A 213 -11.37 -12.72 -23.65
CA PRO A 213 -12.38 -13.41 -22.85
C PRO A 213 -12.58 -12.77 -21.48
N ASP A 214 -13.83 -12.61 -21.08
CA ASP A 214 -14.20 -12.03 -19.79
C ASP A 214 -13.53 -10.69 -19.55
N TRP A 215 -13.38 -9.93 -20.63
CA TRP A 215 -12.90 -8.56 -20.60
C TRP A 215 -13.45 -7.85 -19.36
N PRO A 216 -12.57 -7.37 -18.44
CA PRO A 216 -13.09 -6.81 -17.18
C PRO A 216 -13.27 -5.28 -17.20
N PHE A 217 -12.67 -4.61 -18.18
CA PHE A 217 -12.40 -3.18 -18.08
C PHE A 217 -13.65 -2.33 -18.20
N ASN A 218 -14.70 -2.85 -18.85
CA ASN A 218 -15.94 -2.10 -19.01
C ASN A 218 -16.94 -2.36 -17.90
N ASP A 219 -16.56 -3.16 -16.90
CA ASP A 219 -17.46 -3.41 -15.78
C ASP A 219 -17.78 -2.10 -15.04
N PRO A 220 -19.04 -1.89 -14.62
CA PRO A 220 -19.30 -0.72 -13.81
C PRO A 220 -18.40 -0.71 -12.57
N GLY A 221 -17.80 0.43 -12.31
CA GLY A 221 -16.95 0.61 -11.13
C GLY A 221 -15.53 0.07 -11.21
N TYR A 222 -15.13 -0.51 -12.35
CA TYR A 222 -13.78 -1.03 -12.46
C TYR A 222 -12.76 0.11 -12.43
N THR A 223 -11.70 -0.06 -11.65
CA THR A 223 -10.67 0.97 -11.58
C THR A 223 -9.29 0.35 -11.63
N VAL A 224 -8.32 1.18 -11.99
CA VAL A 224 -6.93 0.80 -12.02
C VAL A 224 -6.10 1.83 -11.24
N PHE A 225 -4.92 1.40 -10.82
CA PHE A 225 -3.96 2.27 -10.15
C PHE A 225 -2.66 2.31 -10.94
N PRO A 226 -1.96 3.44 -10.92
CA PRO A 226 -0.70 3.55 -11.64
C PRO A 226 0.46 2.95 -10.85
N VAL A 227 1.38 2.34 -11.61
CA VAL A 227 2.57 1.67 -11.06
C VAL A 227 3.78 1.98 -11.93
N LEU A 228 4.90 2.27 -11.27
CA LEU A 228 6.20 2.38 -11.90
C LEU A 228 7.14 1.44 -11.18
N ASN A 229 7.89 0.62 -11.91
CA ASN A 229 8.84 -0.23 -11.22
C ASN A 229 10.02 -0.55 -12.10
N LEU A 230 11.12 -0.89 -11.45
CA LEU A 230 12.26 -1.51 -12.09
C LEU A 230 12.57 -2.74 -11.26
N ALA A 231 12.27 -3.91 -11.81
CA ALA A 231 12.60 -5.17 -11.18
C ALA A 231 13.93 -5.69 -11.73
N VAL A 232 14.59 -6.54 -10.93
CA VAL A 232 15.77 -7.27 -11.39
C VAL A 232 15.49 -8.76 -11.29
N ALA A 233 15.91 -9.50 -12.32
CA ALA A 233 15.67 -10.93 -12.35
C ALA A 233 14.17 -11.24 -12.30
N GLY A 234 13.77 -12.36 -11.71
CA GLY A 234 12.46 -12.93 -11.97
C GLY A 234 12.34 -13.40 -13.39
N SER A 235 11.14 -13.76 -13.80
CA SER A 235 10.96 -14.37 -15.09
C SER A 235 11.42 -13.44 -16.21
N GLY A 236 10.95 -12.20 -16.14
CA GLY A 236 11.17 -11.22 -17.19
C GLY A 236 12.57 -10.62 -17.19
N GLY A 237 13.17 -10.48 -16.01
CA GLY A 237 14.51 -9.90 -15.92
C GLY A 237 15.61 -10.90 -16.26
N GLY A 238 15.45 -12.14 -15.81
CA GLY A 238 16.46 -13.17 -16.01
C GLY A 238 17.81 -12.83 -15.37
N ASP A 239 18.85 -13.37 -15.96
CA ASP A 239 20.20 -13.32 -15.41
C ASP A 239 20.76 -11.90 -15.46
N PRO A 240 21.12 -11.32 -14.31
CA PRO A 240 21.70 -9.98 -14.31
C PRO A 240 23.22 -9.95 -14.54
N ARG A 241 23.88 -11.10 -14.52
CA ARG A 241 25.34 -11.12 -14.60
C ARG A 241 25.93 -10.53 -15.89
N PRO A 242 25.22 -10.65 -17.03
CA PRO A 242 25.72 -9.96 -18.21
C PRO A 242 25.48 -8.46 -18.20
N GLY A 243 24.68 -7.98 -17.26
CA GLY A 243 24.27 -6.57 -17.23
C GLY A 243 25.29 -5.66 -16.57
N SER A 244 25.01 -4.36 -16.64
CA SER A 244 25.86 -3.32 -16.09
C SER A 244 25.04 -2.55 -15.04
N TYR A 245 25.42 -2.72 -13.78
CA TYR A 245 24.77 -2.09 -12.63
C TYR A 245 25.73 -1.17 -11.91
N PRO A 246 25.22 -0.18 -11.16
CA PRO A 246 23.82 0.22 -11.04
C PRO A 246 23.18 0.67 -12.36
N ALA A 247 21.86 0.52 -12.42
CA ALA A 247 21.07 0.92 -13.58
C ALA A 247 19.83 1.64 -13.06
N GLN A 248 19.32 2.62 -13.82
CA GLN A 248 18.24 3.48 -13.35
C GLN A 248 17.16 3.70 -14.39
N MET A 249 15.96 3.92 -13.86
CA MET A 249 14.85 4.47 -14.63
CA MET A 249 14.81 4.42 -14.58
C MET A 249 14.49 5.81 -14.03
N LEU A 250 14.37 6.80 -14.91
CA LEU A 250 13.96 8.16 -14.50
C LEU A 250 12.53 8.41 -14.95
N VAL A 251 11.74 9.05 -14.10
CA VAL A 251 10.37 9.40 -14.46
C VAL A 251 10.11 10.86 -14.11
N ASP A 252 9.89 11.69 -15.11
CA ASP A 252 9.68 13.11 -14.88
C ASP A 252 8.28 13.40 -14.34
N TRP A 253 7.29 12.60 -14.75
CA TRP A 253 5.95 12.87 -14.30
C TRP A 253 5.05 11.69 -14.66
N VAL A 254 3.95 11.61 -13.92
CA VAL A 254 2.76 10.80 -14.22
C VAL A 254 1.58 11.75 -14.20
N ARG A 255 0.75 11.68 -15.22
CA ARG A 255 -0.41 12.57 -15.36
C ARG A 255 -1.60 11.76 -15.84
N VAL A 256 -2.76 12.07 -15.25
CA VAL A 256 -4.03 11.40 -15.61
C VAL A 256 -5.08 12.46 -15.74
N TRP A 257 -5.80 12.48 -16.86
CA TRP A 257 -6.82 13.51 -17.07
C TRP A 257 -7.98 12.96 -17.86
N GLN B 25 -14.48 17.27 7.23
CA GLN B 25 -13.10 16.70 7.38
C GLN B 25 -12.12 17.63 8.10
N SER B 26 -12.36 18.95 7.97
CA SER B 26 -11.69 20.00 8.73
C SER B 26 -12.46 20.42 10.00
N GLY B 27 -13.53 19.70 10.34
CA GLY B 27 -14.26 19.88 11.60
C GLY B 27 -15.59 20.61 11.39
N PRO B 28 -16.43 20.72 12.42
CA PRO B 28 -16.31 20.16 13.77
C PRO B 28 -16.39 18.62 13.77
N TYR B 29 -15.83 18.02 14.81
CA TYR B 29 -15.71 16.58 14.91
C TYR B 29 -16.61 16.01 15.96
N LEU B 30 -17.17 14.83 15.69
CA LEU B 30 -17.85 14.05 16.73
C LEU B 30 -16.86 13.53 17.75
N PHE B 31 -15.65 13.19 17.29
CA PHE B 31 -14.57 12.74 18.15
C PHE B 31 -13.29 13.07 17.41
N HIS B 32 -12.31 13.61 18.11
CA HIS B 32 -10.97 13.69 17.53
C HIS B 32 -9.93 13.81 18.59
N ASP B 33 -8.72 13.42 18.24
CA ASP B 33 -7.56 13.74 19.03
C ASP B 33 -6.46 14.14 18.05
N GLU B 34 -5.89 15.33 18.29
CA GLU B 34 -4.79 15.85 17.51
C GLU B 34 -3.44 15.48 18.11
N PHE B 35 -3.46 14.87 19.30
CA PHE B 35 -2.25 14.40 19.96
C PHE B 35 -1.21 15.49 20.20
N ASP B 36 -1.69 16.68 20.53
CA ASP B 36 -0.83 17.79 20.89
C ASP B 36 -0.48 17.76 22.37
N GLY B 37 0.69 18.31 22.68
CA GLY B 37 1.19 18.38 24.04
C GLY B 37 2.68 18.14 24.02
N PRO B 38 3.34 18.37 25.15
CA PRO B 38 4.78 18.25 25.23
C PRO B 38 5.28 16.81 25.10
N ALA B 39 6.50 16.68 24.62
CA ALA B 39 7.13 15.39 24.46
C ALA B 39 7.18 14.64 25.76
N GLY B 40 6.79 13.38 25.72
CA GLY B 40 6.78 12.52 26.86
C GLY B 40 5.46 12.52 27.63
N SER B 41 4.46 13.27 27.16
CA SER B 41 3.22 13.22 27.93
CA SER B 41 3.11 13.31 27.73
C SER B 41 2.40 11.98 27.56
N ALA B 42 1.42 11.71 28.42
CA ALA B 42 0.50 10.61 28.17
C ALA B 42 -0.59 11.09 27.21
N PRO B 43 -1.21 10.15 26.50
CA PRO B 43 -2.38 10.55 25.73
C PRO B 43 -3.52 10.93 26.65
N ASP B 44 -4.40 11.73 26.09
CA ASP B 44 -5.51 12.31 26.81
C ASP B 44 -6.41 11.23 27.42
N SER B 45 -6.43 11.12 28.75
CA SER B 45 -7.19 10.05 29.38
C SER B 45 -8.71 10.29 29.29
N SER B 46 -9.15 11.50 28.89
CA SER B 46 -10.56 11.78 28.58
C SER B 46 -11.01 11.19 27.25
N LYS B 47 -10.07 10.82 26.40
CA LYS B 47 -10.38 10.25 25.10
C LYS B 47 -9.94 8.82 24.90
N TRP B 48 -9.02 8.34 25.73
CA TRP B 48 -8.41 7.03 25.53
C TRP B 48 -8.21 6.31 26.81
N THR B 49 -8.40 4.99 26.74
CA THR B 49 -7.98 4.07 27.79
C THR B 49 -6.74 3.36 27.29
N VAL B 50 -5.64 3.50 28.05
CA VAL B 50 -4.38 2.89 27.67
C VAL B 50 -4.36 1.47 28.25
N ALA B 51 -4.07 0.49 27.40
CA ALA B 51 -4.09 -0.89 27.84
C ALA B 51 -2.96 -1.19 28.81
N ARG B 52 -3.27 -1.99 29.82
CA ARG B 52 -2.29 -2.38 30.82
C ARG B 52 -1.87 -3.86 30.73
N ALA B 53 -2.46 -4.60 29.80
CA ALA B 53 -2.11 -6.00 29.60
C ALA B 53 -2.60 -6.43 28.24
N ARG B 54 -1.88 -7.38 27.64
CA ARG B 54 -2.33 -8.03 26.43
C ARG B 54 -3.47 -9.00 26.77
N GLU B 55 -4.48 -9.00 25.90
CA GLU B 55 -5.59 -9.95 25.92
CA GLU B 55 -5.58 -9.95 25.95
C GLU B 55 -5.02 -11.38 25.93
N GLU B 56 -5.52 -12.24 26.82
CA GLU B 56 -5.06 -13.63 26.88
C GLU B 56 -5.90 -14.45 25.92
N MET B 57 -5.25 -15.21 25.04
CA MET B 57 -5.95 -16.01 24.05
C MET B 57 -6.15 -17.40 24.65
N LYS B 58 -7.40 -17.84 24.67
CA LYS B 58 -7.72 -19.20 25.08
C LYS B 58 -7.10 -20.12 24.03
N ASP B 59 -6.59 -21.26 24.49
CA ASP B 59 -6.06 -22.27 23.59
C ASP B 59 -4.99 -21.72 22.63
N PRO B 60 -3.95 -21.11 23.19
CA PRO B 60 -2.98 -20.35 22.38
C PRO B 60 -2.07 -21.22 21.48
N THR B 61 -1.77 -20.75 20.24
CA THR B 61 -0.65 -21.29 19.47
C THR B 61 0.59 -20.60 20.00
N TYR B 62 1.76 -20.99 19.46
CA TYR B 62 3.04 -20.73 20.08
C TYR B 62 3.13 -19.25 20.38
N TRP B 63 2.83 -18.34 19.44
CA TRP B 63 3.15 -16.94 19.68
C TRP B 63 2.09 -16.20 20.48
N GLU B 64 1.02 -16.89 20.83
CA GLU B 64 0.00 -16.40 21.74
C GLU B 64 0.20 -16.86 23.20
N ARG B 65 1.12 -17.79 23.43
CA ARG B 65 1.33 -18.29 24.77
C ARG B 65 1.82 -17.16 25.67
N PRO B 66 1.49 -17.23 26.97
CA PRO B 66 1.84 -16.11 27.85
C PRO B 66 3.33 -15.73 27.87
N GLU B 67 4.21 -16.72 27.75
CA GLU B 67 5.64 -16.47 27.76
C GLU B 67 6.18 -15.90 26.45
N ASN B 68 5.39 -15.97 25.39
CA ASN B 68 5.81 -15.52 24.07
C ASN B 68 5.17 -14.26 23.56
N VAL B 69 3.99 -13.93 24.07
CA VAL B 69 3.24 -12.83 23.54
C VAL B 69 3.84 -11.48 23.95
N GLY B 70 3.74 -10.49 23.09
CA GLY B 70 4.08 -9.14 23.50
C GLY B 70 3.04 -8.60 24.46
N GLN B 71 3.50 -7.77 25.38
CA GLN B 71 2.64 -7.17 26.37
C GLN B 71 2.31 -5.72 26.05
N TYR B 72 1.29 -5.21 26.75
CA TYR B 72 0.92 -3.79 26.74
C TYR B 72 1.12 -3.24 28.13
N ARG B 73 1.53 -1.98 28.21
CA ARG B 73 1.53 -1.30 29.50
C ARG B 73 1.30 0.19 29.30
N ASP B 74 0.80 0.83 30.35
CA ASP B 74 0.58 2.26 30.37
C ASP B 74 1.84 2.92 30.92
N ASP B 75 2.81 3.10 30.04
CA ASP B 75 4.15 3.54 30.41
C ASP B 75 4.62 4.49 29.32
N ARG B 76 5.25 5.59 29.72
CA ARG B 76 5.77 6.55 28.75
C ARG B 76 6.92 6.02 27.90
N GLN B 77 7.44 4.83 28.22
CA GLN B 77 8.35 4.18 27.28
C GLN B 77 7.64 3.67 26.03
N ASN B 78 6.32 3.43 26.14
CA ASN B 78 5.59 2.71 25.10
C ASN B 78 4.44 3.47 24.49
N VAL B 79 3.79 4.37 25.24
CA VAL B 79 2.65 5.11 24.71
C VAL B 79 2.83 6.56 25.17
N PHE B 80 3.09 7.49 24.28
CA PHE B 80 3.44 8.84 24.68
C PHE B 80 3.24 9.78 23.51
N LEU B 81 3.26 11.07 23.77
CA LEU B 81 3.23 12.07 22.72
C LEU B 81 4.63 12.55 22.43
N ASP B 82 4.90 12.92 21.18
CA ASP B 82 6.24 13.31 20.81
C ASP B 82 6.52 14.80 20.84
N GLY B 83 5.53 15.61 21.19
CA GLY B 83 5.71 17.05 21.23
C GLY B 83 5.59 17.72 19.87
N LYS B 84 5.34 16.91 18.84
CA LYS B 84 5.22 17.36 17.45
C LYS B 84 3.86 17.00 16.88
N SER B 85 2.88 16.83 17.77
CA SER B 85 1.51 16.52 17.40
C SER B 85 1.24 15.05 17.11
N ASN B 86 2.15 14.15 17.50
CA ASN B 86 1.93 12.74 17.27
C ASN B 86 1.87 11.91 18.53
N LEU B 87 0.93 10.98 18.55
CA LEU B 87 1.02 9.81 19.41
C LEU B 87 2.16 8.94 18.90
N VAL B 88 2.91 8.37 19.82
CA VAL B 88 3.89 7.34 19.54
C VAL B 88 3.47 6.10 20.31
N ILE B 89 3.34 4.99 19.59
CA ILE B 89 3.28 3.68 20.22
C ILE B 89 4.56 2.96 19.85
N ARG B 90 5.31 2.55 20.88
CA ARG B 90 6.68 2.06 20.71
C ARG B 90 6.78 0.65 21.29
N ALA B 91 7.31 -0.26 20.49
CA ALA B 91 7.58 -1.64 20.88
C ALA B 91 9.05 -1.82 21.13
N ALA B 92 9.40 -2.40 22.28
CA ALA B 92 10.80 -2.62 22.62
C ALA B 92 10.91 -3.67 23.69
N LYS B 93 12.03 -4.40 23.65
CA LYS B 93 12.37 -5.30 24.73
C LYS B 93 12.64 -4.56 26.04
N ASP B 94 12.19 -5.12 27.15
CA ASP B 94 12.51 -4.61 28.46
C ASP B 94 12.44 -5.74 29.50
N GLY B 95 13.61 -6.16 29.99
CA GLY B 95 13.71 -7.14 31.06
C GLY B 95 13.06 -8.48 30.76
N GLY B 96 13.23 -8.98 29.53
CA GLY B 96 12.78 -10.31 29.16
C GLY B 96 11.42 -10.40 28.47
N THR B 97 10.78 -9.26 28.26
CA THR B 97 9.45 -9.18 27.64
C THR B 97 9.47 -8.06 26.62
N TYR B 98 8.79 -8.24 25.50
CA TYR B 98 8.50 -7.15 24.59
C TYR B 98 7.28 -6.42 25.11
N TYR B 99 7.41 -5.10 25.26
CA TYR B 99 6.27 -4.27 25.57
C TYR B 99 5.97 -3.34 24.41
N ALA B 100 4.68 -3.08 24.20
CA ALA B 100 4.21 -2.12 23.22
C ALA B 100 2.93 -1.50 23.80
N GLY B 101 1.99 -1.10 22.96
CA GLY B 101 0.86 -0.38 23.49
C GLY B 101 -0.40 -0.39 22.66
N LYS B 102 -1.47 -0.01 23.34
CA LYS B 102 -2.78 0.07 22.75
CA LYS B 102 -2.78 0.07 22.75
C LYS B 102 -3.57 1.17 23.44
N ILE B 103 -4.28 1.97 22.64
CA ILE B 103 -5.24 2.91 23.16
C ILE B 103 -6.59 2.65 22.51
N GLN B 104 -7.63 2.61 23.34
CA GLN B 104 -8.99 2.43 22.82
CA GLN B 104 -8.99 2.38 22.86
C GLN B 104 -9.87 3.47 23.45
N SER B 105 -10.69 4.12 22.64
CA SER B 105 -11.54 5.14 23.22
C SER B 105 -12.78 4.55 23.84
N PRO B 106 -13.20 5.11 24.99
CA PRO B 106 -14.54 4.78 25.46
C PRO B 106 -15.65 5.41 24.64
N TRP B 107 -15.30 6.41 23.83
CA TRP B 107 -16.27 7.03 22.95
C TRP B 107 -16.67 6.07 21.83
N ARG B 108 -17.97 6.01 21.55
CA ARG B 108 -18.50 5.18 20.47
C ARG B 108 -19.30 5.98 19.48
N GLY B 109 -19.22 5.57 18.24
CA GLY B 109 -19.94 6.19 17.15
C GLY B 109 -20.78 5.19 16.38
N GLY B 110 -21.95 5.64 15.95
CA GLY B 110 -22.83 4.82 15.15
C GLY B 110 -22.64 5.05 13.66
N ILE B 111 -23.65 4.61 12.91
CA ILE B 111 -23.62 4.61 11.48
C ILE B 111 -23.70 6.05 10.94
N GLY B 112 -23.14 6.26 9.76
CA GLY B 112 -23.31 7.49 9.01
C GLY B 112 -22.14 8.47 9.06
N HIS B 113 -21.01 8.05 9.63
CA HIS B 113 -19.86 8.93 9.82
C HIS B 113 -18.67 8.48 8.99
N THR B 114 -17.69 9.39 8.94
CA THR B 114 -16.40 9.14 8.34
C THR B 114 -15.35 9.16 9.44
N TRP B 115 -14.41 8.22 9.36
CA TRP B 115 -13.43 7.94 10.38
C TRP B 115 -12.07 7.95 9.70
N GLU B 116 -11.12 8.73 10.20
CA GLU B 116 -9.84 8.83 9.53
C GLU B 116 -8.71 9.05 10.52
N ALA B 117 -7.55 8.48 10.21
CA ALA B 117 -6.35 8.69 11.00
C ALA B 117 -5.17 8.94 10.06
N ARG B 118 -4.22 9.76 10.53
CA ARG B 118 -2.98 10.01 9.81
C ARG B 118 -1.87 9.29 10.57
N ILE B 119 -1.22 8.33 9.89
CA ILE B 119 -0.36 7.34 10.55
C ILE B 119 0.95 7.19 9.80
N LYS B 120 2.02 6.94 10.55
CA LYS B 120 3.32 6.57 10.00
C LYS B 120 3.74 5.27 10.65
N PHE B 121 3.87 4.19 9.86
CA PHE B 121 4.29 2.91 10.42
C PHE B 121 5.80 2.75 10.29
N ASP B 122 6.53 2.99 11.37
CA ASP B 122 7.95 2.69 11.46
C ASP B 122 8.16 1.36 12.20
N CYS B 123 7.29 0.41 11.91
CA CYS B 123 7.19 -0.84 12.65
C CYS B 123 6.79 -1.98 11.75
N LEU B 124 7.16 -1.92 10.46
CA LEU B 124 6.84 -3.00 9.53
C LEU B 124 7.99 -3.98 9.57
N THR B 125 8.05 -4.71 10.67
CA THR B 125 9.14 -5.63 10.95
C THR B 125 8.60 -6.90 11.60
N ALA B 126 9.34 -7.99 11.47
CA ALA B 126 8.89 -9.26 11.99
C ALA B 126 8.52 -9.13 13.46
N GLY B 127 7.36 -9.71 13.82
CA GLY B 127 6.84 -9.69 15.17
C GLY B 127 5.83 -8.60 15.42
N CYS B 128 5.88 -7.52 14.65
CA CYS B 128 4.98 -6.39 14.90
C CYS B 128 3.62 -6.60 14.27
N TRP B 129 2.61 -5.95 14.87
CA TRP B 129 1.22 -6.07 14.43
C TRP B 129 0.48 -4.78 14.77
N PRO B 130 0.70 -3.74 13.96
CA PRO B 130 0.00 -2.48 14.14
C PRO B 130 -1.37 -2.52 13.52
N ALA B 131 -2.29 -1.72 14.08
CA ALA B 131 -3.64 -1.67 13.57
C ALA B 131 -4.31 -0.35 13.94
N TRP B 132 -5.20 0.07 13.04
CA TRP B 132 -6.13 1.18 13.19
C TRP B 132 -7.50 0.58 12.88
N TRP B 133 -8.38 0.53 13.89
CA TRP B 133 -9.60 -0.26 13.76
C TRP B 133 -10.68 0.25 14.65
N LEU B 134 -11.91 -0.18 14.35
CA LEU B 134 -13.11 0.21 15.06
C LEU B 134 -13.69 -1.09 15.62
N GLY B 135 -13.84 -1.12 16.94
CA GLY B 135 -14.23 -2.34 17.63
C GLY B 135 -15.60 -2.30 18.24
N ASN B 136 -16.02 -3.49 18.65
CA ASN B 136 -17.32 -3.70 19.29
C ASN B 136 -17.16 -4.93 20.17
N GLN B 137 -17.64 -4.83 21.41
CA GLN B 137 -17.47 -5.91 22.38
C GLN B 137 -18.32 -7.13 22.09
N ASP B 138 -19.36 -6.97 21.27
CA ASP B 138 -20.31 -8.04 21.03
C ASP B 138 -20.00 -8.76 19.73
N ARG B 139 -20.02 -8.02 18.63
CA ARG B 139 -19.80 -8.58 17.32
CA ARG B 139 -19.85 -8.58 17.31
C ARG B 139 -19.60 -7.46 16.32
N GLY B 140 -18.82 -7.77 15.30
CA GLY B 140 -18.49 -6.79 14.29
C GLY B 140 -17.19 -6.09 14.57
N GLU B 141 -16.44 -5.82 13.51
CA GLU B 141 -15.16 -5.13 13.62
C GLU B 141 -14.81 -4.54 12.28
N ILE B 142 -14.26 -3.34 12.28
CA ILE B 142 -13.78 -2.71 11.05
C ILE B 142 -12.29 -2.46 11.20
N ASP B 143 -11.49 -3.29 10.56
CA ASP B 143 -10.04 -3.14 10.55
C ASP B 143 -9.66 -2.27 9.38
N ILE B 144 -9.51 -0.97 9.65
CA ILE B 144 -9.29 -0.02 8.60
C ILE B 144 -7.93 -0.29 7.93
N ILE B 145 -6.89 -0.54 8.72
CA ILE B 145 -5.64 -1.03 8.17
C ILE B 145 -4.93 -1.80 9.28
N GLU B 146 -4.33 -2.93 8.90
CA GLU B 146 -3.46 -3.66 9.82
C GLU B 146 -2.38 -4.32 9.04
N TRP B 147 -1.25 -4.47 9.70
CA TRP B 147 -0.09 -5.14 9.13
C TRP B 147 0.31 -6.27 10.03
N TYR B 148 0.71 -7.39 9.42
CA TYR B 148 1.09 -8.59 10.18
C TYR B 148 2.58 -8.88 10.02
N GLY B 149 3.25 -9.05 11.14
CA GLY B 149 4.66 -9.38 11.17
C GLY B 149 5.01 -10.83 11.23
N ASN B 150 4.02 -11.71 11.06
CA ASN B 150 4.24 -13.14 11.25
C ASN B 150 4.90 -13.83 10.07
N GLY B 151 5.08 -13.13 8.96
CA GLY B 151 5.76 -13.67 7.79
C GLY B 151 4.84 -14.35 6.81
N SER B 152 3.56 -14.48 7.12
CA SER B 152 2.59 -15.19 6.28
C SER B 152 1.43 -14.30 5.84
N TRP B 153 0.81 -13.59 6.77
CA TRP B 153 -0.46 -12.93 6.48
C TRP B 153 -0.24 -11.57 5.82
N PRO B 154 -0.97 -11.30 4.74
CA PRO B 154 -0.81 -10.02 4.06
C PRO B 154 -1.48 -8.87 4.81
N SER B 155 -0.89 -7.69 4.78
CA SER B 155 -1.54 -6.52 5.34
C SER B 155 -2.81 -6.21 4.57
N ALA B 156 -3.83 -5.67 5.23
CA ALA B 156 -5.16 -5.65 4.67
C ALA B 156 -6.11 -4.76 5.45
N THR B 157 -7.21 -4.47 4.78
CA THR B 157 -8.39 -3.85 5.34
C THR B 157 -9.48 -4.92 5.37
N THR B 158 -10.18 -5.04 6.50
CA THR B 158 -11.13 -6.15 6.70
C THR B 158 -12.35 -5.67 7.49
N VAL B 159 -13.53 -6.11 7.08
CA VAL B 159 -14.75 -5.95 7.87
C VAL B 159 -15.18 -7.34 8.30
N HIS B 160 -15.40 -7.49 9.60
CA HIS B 160 -15.83 -8.74 10.21
C HIS B 160 -17.26 -8.60 10.73
N ALA B 161 -18.02 -9.68 10.63
CA ALA B 161 -19.38 -9.67 11.18
C ALA B 161 -19.63 -10.37 12.47
N LYS B 162 -19.03 -11.53 12.68
CA LYS B 162 -19.44 -12.43 13.78
C LYS B 162 -18.65 -12.24 15.06
N ALA B 163 -19.25 -12.64 16.19
CA ALA B 163 -18.63 -12.51 17.52
C ALA B 163 -17.17 -12.96 17.55
N ASN B 164 -16.88 -14.07 16.87
CA ASN B 164 -15.51 -14.59 16.79
C ASN B 164 -14.75 -14.08 15.57
N GLY B 165 -15.35 -13.12 14.85
CA GLY B 165 -14.74 -12.49 13.68
C GLY B 165 -14.66 -13.36 12.44
N SER B 166 -15.30 -14.55 12.46
CA SER B 166 -15.10 -15.59 11.41
C SER B 166 -15.81 -15.41 10.05
N GLU B 167 -16.53 -14.33 9.87
CA GLU B 167 -17.10 -13.98 8.57
C GLU B 167 -16.58 -12.60 8.23
N TRP B 168 -16.03 -12.44 7.03
CA TRP B 168 -15.36 -11.19 6.68
C TRP B 168 -15.25 -10.95 5.18
N LYS B 169 -15.07 -9.67 4.87
CA LYS B 169 -14.66 -9.21 3.56
C LYS B 169 -13.31 -8.53 3.76
N THR B 170 -12.33 -8.83 2.92
CA THR B 170 -11.00 -8.31 3.10
C THR B 170 -10.40 -7.90 1.76
N ARG B 171 -9.46 -6.97 1.82
CA ARG B 171 -8.71 -6.53 0.65
C ARG B 171 -7.28 -6.29 1.09
N ASN B 172 -6.34 -6.93 0.42
CA ASN B 172 -4.94 -6.71 0.75
C ASN B 172 -4.52 -5.29 0.36
N VAL B 173 -3.70 -4.68 1.22
CA VAL B 173 -3.20 -3.32 1.02
C VAL B 173 -1.73 -3.36 1.41
N ALA B 174 -0.84 -3.02 0.48
CA ALA B 174 0.59 -3.02 0.76
C ALA B 174 0.95 -1.70 1.44
N LEU B 175 1.88 -1.77 2.37
CA LEU B 175 2.26 -0.67 3.21
C LEU B 175 3.72 -0.32 3.11
N ASP B 176 4.04 0.93 3.45
CA ASP B 176 5.41 1.37 3.62
C ASP B 176 5.42 2.23 4.88
N SER B 177 6.57 2.86 5.10
CA SER B 177 6.80 3.66 6.31
C SER B 177 6.54 5.15 6.10
N GLY B 178 5.91 5.53 5.00
CA GLY B 178 5.59 6.94 4.81
C GLY B 178 4.35 7.37 5.58
N TRP B 179 4.15 8.67 5.69
CA TRP B 179 2.91 9.17 6.23
C TRP B 179 1.77 8.90 5.27
N HIS B 180 0.66 8.38 5.79
CA HIS B 180 -0.56 8.19 4.98
C HIS B 180 -1.78 8.44 5.85
N THR B 181 -2.88 8.79 5.19
CA THR B 181 -4.16 8.85 5.86
C THR B 181 -4.99 7.63 5.49
N TRP B 182 -5.82 7.19 6.44
CA TRP B 182 -6.58 5.94 6.34
C TRP B 182 -8.02 6.24 6.75
N ARG B 183 -8.92 6.22 5.76
CA ARG B 183 -10.29 6.68 5.92
C ARG B 183 -11.29 5.55 5.69
N CYS B 184 -12.29 5.50 6.54
CA CYS B 184 -13.48 4.66 6.35
C CYS B 184 -14.73 5.49 6.48
N GLN B 185 -15.54 5.51 5.41
CA GLN B 185 -16.91 6.01 5.54
C GLN B 185 -17.81 4.81 5.75
N TRP B 186 -18.52 4.81 6.88
CA TRP B 186 -19.41 3.71 7.23
C TRP B 186 -20.82 4.25 7.38
N ASP B 187 -21.66 3.98 6.37
CA ASP B 187 -23.01 4.50 6.35
C ASP B 187 -23.99 3.37 6.05
N GLU B 188 -25.25 3.72 5.81
CA GLU B 188 -26.29 2.72 5.62
C GLU B 188 -26.00 1.76 4.47
N THR B 189 -25.23 2.20 3.49
CA THR B 189 -24.91 1.38 2.33
C THR B 189 -23.74 0.44 2.56
N GLY B 190 -22.99 0.64 3.65
CA GLY B 190 -21.81 -0.18 3.95
C GLY B 190 -20.59 0.69 4.19
N MET B 191 -19.41 0.16 3.83
CA MET B 191 -18.13 0.79 4.13
CA MET B 191 -18.15 0.82 4.10
C MET B 191 -17.37 1.06 2.84
N ARG B 192 -16.78 2.25 2.76
CA ARG B 192 -15.88 2.65 1.69
C ARG B 192 -14.58 3.08 2.34
N PHE B 193 -13.47 2.69 1.74
CA PHE B 193 -12.15 2.95 2.29
C PHE B 193 -11.28 3.70 1.30
N TRP B 194 -10.52 4.67 1.80
CA TRP B 194 -9.53 5.41 1.03
C TRP B 194 -8.24 5.52 1.79
N GLN B 195 -7.14 5.44 1.04
CA GLN B 195 -5.82 5.78 1.53
C GLN B 195 -5.41 7.07 0.87
N ASP B 196 -4.98 8.04 1.66
CA ASP B 196 -4.57 9.34 1.12
C ASP B 196 -5.68 9.96 0.28
N TYR B 197 -6.88 9.96 0.85
CA TYR B 197 -8.07 10.49 0.21
C TYR B 197 -7.82 11.79 -0.50
N ALA B 198 -8.33 11.87 -1.72
CA ALA B 198 -8.48 13.15 -2.40
C ALA B 198 -9.89 13.27 -2.94
N GLU B 199 -10.36 14.50 -3.04
CA GLU B 199 -11.75 14.74 -3.43
C GLU B 199 -12.09 13.98 -4.69
N GLY B 200 -13.23 13.30 -4.69
CA GLY B 200 -13.70 12.65 -5.91
C GLY B 200 -13.10 11.29 -6.18
N ALA B 201 -12.08 10.94 -5.41
CA ALA B 201 -11.36 9.70 -5.69
C ALA B 201 -12.22 8.46 -5.42
N GLN B 202 -12.14 7.48 -6.28
CA GLN B 202 -12.77 6.16 -6.04
C GLN B 202 -12.13 5.50 -4.82
N PRO B 203 -12.93 4.89 -3.94
CA PRO B 203 -12.35 4.13 -2.82
C PRO B 203 -11.59 2.92 -3.34
N TYR B 204 -10.60 2.47 -2.57
CA TYR B 204 -9.86 1.26 -2.94
C TYR B 204 -10.60 -0.02 -2.57
N PHE B 205 -11.59 0.07 -1.68
CA PHE B 205 -12.34 -1.10 -1.25
C PHE B 205 -13.70 -0.65 -0.77
N THR B 206 -14.72 -1.44 -1.10
CA THR B 206 -16.08 -1.21 -0.66
CA THR B 206 -16.06 -1.20 -0.61
C THR B 206 -16.62 -2.52 -0.11
N VAL B 207 -17.34 -2.43 1.01
CA VAL B 207 -18.04 -3.56 1.60
C VAL B 207 -19.50 -3.17 1.66
N ALA B 208 -20.35 -3.92 0.95
CA ALA B 208 -21.75 -3.60 0.90
C ALA B 208 -22.45 -4.02 2.18
N ALA B 209 -23.40 -3.21 2.63
CA ALA B 209 -24.26 -3.63 3.72
C ALA B 209 -24.92 -4.96 3.36
N HIS B 210 -25.11 -5.79 4.36
CA HIS B 210 -25.83 -7.07 4.24
C HIS B 210 -25.02 -8.13 3.48
N SER B 211 -23.71 -7.93 3.33
CA SER B 211 -22.89 -8.84 2.54
C SER B 211 -22.24 -9.97 3.33
N LEU B 212 -22.45 -9.98 4.64
CA LEU B 212 -21.96 -11.04 5.53
C LEU B 212 -23.11 -11.57 6.37
N PRO B 213 -23.00 -12.82 6.82
CA PRO B 213 -24.06 -13.39 7.65
C PRO B 213 -24.22 -12.64 8.95
N ASP B 214 -25.46 -12.42 9.33
CA ASP B 214 -25.80 -11.75 10.57
C ASP B 214 -25.10 -10.41 10.66
N TRP B 215 -25.05 -9.72 9.53
CA TRP B 215 -24.46 -8.39 9.41
C TRP B 215 -24.95 -7.50 10.56
N PRO B 216 -24.04 -6.99 11.44
CA PRO B 216 -24.55 -6.27 12.61
C PRO B 216 -24.69 -4.76 12.42
N PHE B 217 -24.09 -4.24 11.35
CA PHE B 217 -23.78 -2.81 11.30
C PHE B 217 -25.00 -1.92 11.07
N ASN B 218 -26.07 -2.48 10.52
CA ASN B 218 -27.30 -1.73 10.26
C ASN B 218 -28.32 -1.91 11.37
N ASP B 219 -27.93 -2.53 12.48
CA ASP B 219 -28.85 -2.68 13.59
C ASP B 219 -29.09 -1.36 14.31
N PRO B 220 -30.31 -1.12 14.76
CA PRO B 220 -30.57 0.09 15.53
C PRO B 220 -29.63 0.21 16.71
N GLY B 221 -29.02 1.37 16.84
CA GLY B 221 -28.14 1.67 17.96
C GLY B 221 -26.75 1.03 17.94
N TYR B 222 -26.37 0.36 16.85
CA TYR B 222 -25.08 -0.28 16.78
C TYR B 222 -23.96 0.76 16.74
N THR B 223 -22.94 0.59 17.57
CA THR B 223 -21.83 1.53 17.59
C THR B 223 -20.50 0.82 17.68
N VAL B 224 -19.45 1.56 17.32
CA VAL B 224 -18.07 1.08 17.40
C VAL B 224 -17.19 2.12 18.08
N PHE B 225 -16.06 1.65 18.61
CA PHE B 225 -15.10 2.56 19.24
C PHE B 225 -13.76 2.51 18.50
N PRO B 226 -13.07 3.65 18.39
CA PRO B 226 -11.76 3.67 17.72
C PRO B 226 -10.65 3.08 18.60
N VAL B 227 -9.73 2.43 17.92
CA VAL B 227 -8.58 1.79 18.56
C VAL B 227 -7.33 1.99 17.70
N LEU B 228 -6.23 2.29 18.36
CA LEU B 228 -4.89 2.29 17.75
C LEU B 228 -4.01 1.40 18.59
N ASN B 229 -3.26 0.48 17.97
CA ASN B 229 -2.36 -0.33 18.73
C ASN B 229 -1.20 -0.77 17.88
N LEU B 230 -0.12 -1.10 18.58
CA LEU B 230 1.02 -1.83 18.03
C LEU B 230 1.26 -2.99 18.96
N ALA B 231 0.91 -4.19 18.50
CA ALA B 231 1.16 -5.42 19.25
C ALA B 231 2.45 -6.06 18.78
N VAL B 232 3.05 -6.86 19.67
CA VAL B 232 4.16 -7.73 19.29
C VAL B 232 3.72 -9.17 19.52
N ALA B 233 4.06 -10.04 18.55
CA ALA B 233 3.74 -11.46 18.62
C ALA B 233 2.22 -11.61 18.69
N GLY B 234 1.72 -12.66 19.35
CA GLY B 234 0.37 -13.10 19.10
C GLY B 234 0.25 -13.70 17.70
N SER B 235 -0.96 -14.04 17.27
CA SER B 235 -1.12 -14.74 16.01
C SER B 235 -0.62 -13.91 14.83
N GLY B 236 -1.00 -12.65 14.81
CA GLY B 236 -0.67 -11.78 13.68
C GLY B 236 0.76 -11.27 13.68
N GLY B 237 1.32 -11.07 14.87
CA GLY B 237 2.71 -10.62 14.97
C GLY B 237 3.71 -11.72 14.70
N GLY B 238 3.44 -12.91 15.23
CA GLY B 238 4.36 -14.01 15.13
C GLY B 238 5.73 -13.73 15.74
N ASP B 239 6.73 -14.41 15.20
CA ASP B 239 8.06 -14.43 15.78
C ASP B 239 8.77 -13.09 15.61
N PRO B 240 9.12 -12.42 16.71
CA PRO B 240 9.79 -11.12 16.63
C PRO B 240 11.33 -11.19 16.47
N ARG B 241 11.92 -12.37 16.54
CA ARG B 241 13.38 -12.45 16.51
C ARG B 241 14.03 -11.92 15.25
N PRO B 242 13.40 -12.07 14.09
CA PRO B 242 14.02 -11.48 12.91
C PRO B 242 13.86 -9.95 12.81
N GLY B 243 13.02 -9.36 13.65
CA GLY B 243 12.62 -7.98 13.51
C GLY B 243 13.60 -7.00 14.10
N SER B 244 13.45 -5.76 13.69
CA SER B 244 14.31 -4.70 14.18
CA SER B 244 14.28 -4.62 14.10
C SER B 244 13.54 -3.85 15.18
N TYR B 245 14.05 -3.87 16.41
CA TYR B 245 13.44 -3.19 17.54
C TYR B 245 14.47 -2.25 18.15
N PRO B 246 14.01 -1.20 18.84
CA PRO B 246 12.62 -0.77 18.98
C PRO B 246 11.99 -0.38 17.65
N ALA B 247 10.67 -0.44 17.61
CA ALA B 247 9.89 -0.11 16.45
C ALA B 247 8.74 0.77 16.92
N GLN B 248 8.22 1.63 16.06
CA GLN B 248 7.11 2.45 16.49
CA GLN B 248 7.18 2.60 16.47
C GLN B 248 6.15 2.85 15.39
N MET B 249 4.98 3.26 15.85
CA MET B 249 3.97 3.83 14.97
CA MET B 249 3.87 3.76 15.08
C MET B 249 3.65 5.21 15.50
N LEU B 250 3.56 6.15 14.56
CA LEU B 250 3.17 7.53 14.88
C LEU B 250 1.77 7.78 14.37
N VAL B 251 0.99 8.55 15.14
CA VAL B 251 -0.35 8.94 14.71
C VAL B 251 -0.50 10.43 14.96
N ASP B 252 -0.68 11.22 13.90
CA ASP B 252 -0.83 12.66 14.07
C ASP B 252 -2.25 12.99 14.55
N TRP B 253 -3.25 12.23 14.14
CA TRP B 253 -4.60 12.55 14.54
C TRP B 253 -5.51 11.38 14.21
N VAL B 254 -6.61 11.35 14.97
CA VAL B 254 -7.81 10.54 14.67
CA VAL B 254 -7.81 10.55 14.63
C VAL B 254 -8.98 11.51 14.62
N ARG B 255 -9.82 11.41 13.60
CA ARG B 255 -10.96 12.32 13.44
C ARG B 255 -12.17 11.55 12.97
N VAL B 256 -13.33 11.89 13.54
CA VAL B 256 -14.60 11.26 13.18
C VAL B 256 -15.63 12.36 13.01
N TRP B 257 -16.32 12.39 11.87
CA TRP B 257 -17.30 13.44 11.59
C TRP B 257 -18.44 12.93 10.74
MG MG C . 9.10 16.04 -13.09
MG MG D . -12.39 8.02 -11.65
C1 BTB E . 4.44 -8.54 -12.23
O1 BTB E . 5.59 -9.03 -12.94
C2 BTB E . 3.28 -8.25 -13.19
C3 BTB E . 2.26 -7.38 -12.46
O3 BTB E . 1.51 -8.18 -11.56
C4 BTB E . 2.66 -9.59 -13.62
O4 BTB E . 1.65 -9.47 -14.65
N BTB E . 3.89 -7.50 -14.36
C5 BTB E . 3.53 -7.91 -15.75
C6 BTB E . 4.74 -8.63 -16.30
O6 BTB E . 4.70 -8.84 -17.70
C7 BTB E . 4.07 -6.04 -14.17
C8 BTB E . 4.87 -5.26 -15.23
O8 BTB E . 6.13 -5.85 -15.57
C1 EDO F . 2.45 -10.95 -23.43
O1 EDO F . 2.85 -10.42 -22.17
C2 EDO F . 3.49 -11.89 -24.03
O2 EDO F . 4.16 -12.74 -23.06
MG MG G . -1.43 15.68 15.69
C1 BTB H . -8.07 -9.70 17.72
O1 BTB H . -6.74 -10.06 17.33
C2 BTB H . -8.17 -8.17 17.59
C3 BTB H . -7.15 -7.63 18.59
O3 BTB H . -7.23 -8.30 19.87
C4 BTB H . -9.57 -7.61 17.93
O4 BTB H . -10.58 -8.55 17.55
N BTB H . -7.77 -7.70 16.19
C5 BTB H . -8.53 -8.46 15.16
C6 BTB H . -8.05 -8.28 13.72
O6 BTB H . -6.84 -8.98 13.43
C7 BTB H . -7.75 -6.22 16.04
C8 BTB H . -6.73 -5.51 15.13
O8 BTB H . -5.49 -6.15 14.81
#